data_4RDD
#
_entry.id   4RDD
#
_cell.length_a   39.638
_cell.length_b   75.274
_cell.length_c   48.046
_cell.angle_alpha   90.00
_cell.angle_beta   99.11
_cell.angle_gamma   90.00
#
_symmetry.space_group_name_H-M   'P 1 21 1'
#
loop_
_entity.id
_entity.type
_entity.pdbx_description
1 polymer 'Tyrosine-protein phosphatase non-receptor type 11'
2 non-polymer '1-({(2R)-4-carboxy-2-[(R)-carboxy{[(2R)-2-phenyl-2-sulfoacetyl]amino}methyl]-3,6-dihydro-2H-1,3-thiazin-5-yl}methyl)pyr idinium'
3 water water
#
_entity_poly.entity_id   1
_entity_poly.type   'polypeptide(L)'
_entity_poly.pdbx_seq_one_letter_code
;LYSRKEGQRQENKNKNRYKNILPFDHTRVVLHDGDPNEPVSDYINANIIMPEFETKCNNSKPKKSYIATQGCLQNTVNDF
WRMVFQENSRVIVMTTKEVERGKSKCVKYWPDEYALKEYGVMRVRNVKESAAHDYTLRELKLSKVGQGNTERTVWQYHFR
TWPDHGVPSDPGGVLDFLEEVHHKQESIMDAGPVVVHCSAGIGRTGTFIVIDILIDIIREKGVDCDIDVPKTIQMVRSQR
SGMVQTEAQYRFIYMAVQHYIETLQRRLEHHHHHH
;
_entity_poly.pdbx_strand_id   A
#
# COMPACT_ATOMS: atom_id res chain seq x y z
N LEU A 1 -14.46 -17.61 11.67
CA LEU A 1 -13.24 -18.41 11.58
C LEU A 1 -12.23 -17.79 10.61
N TYR A 2 -11.13 -17.27 11.17
CA TYR A 2 -10.03 -16.71 10.39
C TYR A 2 -8.93 -17.75 10.24
N SER A 3 -8.12 -17.63 9.20
CA SER A 3 -6.97 -18.52 9.05
C SER A 3 -5.82 -17.83 8.30
N ARG A 4 -4.62 -18.37 8.46
CA ARG A 4 -3.43 -17.88 7.76
C ARG A 4 -2.70 -19.06 7.14
N LYS A 5 -3.46 -20.07 6.72
CA LYS A 5 -2.89 -21.35 6.31
C LYS A 5 -1.97 -21.25 5.09
N GLU A 6 -2.33 -20.45 4.10
CA GLU A 6 -1.53 -20.37 2.89
C GLU A 6 -0.17 -19.79 3.22
N GLY A 7 -0.16 -18.72 4.02
CA GLY A 7 1.09 -18.12 4.49
C GLY A 7 2.01 -19.07 5.24
N GLN A 8 1.42 -20.09 5.87
CA GLN A 8 2.17 -21.02 6.72
C GLN A 8 2.73 -22.20 5.94
N ARG A 9 2.29 -22.37 4.70
CA ARG A 9 2.71 -23.51 3.89
C ARG A 9 4.22 -23.47 3.66
N GLN A 10 4.85 -24.64 3.63
CA GLN A 10 6.30 -24.71 3.46
C GLN A 10 6.73 -24.15 2.10
N GLU A 11 5.86 -24.27 1.10
CA GLU A 11 6.15 -23.74 -0.23
C GLU A 11 6.20 -22.23 -0.27
N ASN A 12 5.75 -21.59 0.81
CA ASN A 12 5.71 -20.13 0.84
C ASN A 12 6.64 -19.53 1.88
N LYS A 13 7.38 -20.38 2.60
CA LYS A 13 8.16 -19.91 3.75
C LYS A 13 9.19 -18.83 3.41
N ASN A 14 9.78 -18.89 2.21
CA ASN A 14 10.75 -17.87 1.83
C ASN A 14 10.13 -16.62 1.21
N LYS A 15 8.80 -16.54 1.24
CA LYS A 15 8.12 -15.40 0.64
C LYS A 15 7.63 -14.42 1.69
N ASN A 16 7.89 -14.75 2.96
CA ASN A 16 7.53 -13.90 4.10
C ASN A 16 8.76 -13.26 4.73
N ARG A 17 8.72 -11.96 4.91
CA ARG A 17 9.87 -11.27 5.50
C ARG A 17 9.99 -11.61 6.99
N TYR A 18 8.85 -11.77 7.66
CA TYR A 18 8.83 -12.18 9.06
C TYR A 18 7.96 -13.42 9.20
N LYS A 19 8.52 -14.47 9.80
CA LYS A 19 7.89 -15.79 9.74
C LYS A 19 6.48 -15.81 10.31
N ASN A 20 6.15 -14.93 11.28
CA ASN A 20 4.82 -14.97 11.86
C ASN A 20 3.92 -13.77 11.56
N ILE A 21 4.32 -12.97 10.57
CA ILE A 21 3.46 -11.90 10.07
C ILE A 21 2.91 -12.34 8.70
N LEU A 22 1.65 -12.76 8.70
CA LEU A 22 1.08 -13.47 7.55
C LEU A 22 -0.30 -12.92 7.17
N PRO A 23 -0.66 -13.06 5.90
CA PRO A 23 -1.98 -12.61 5.44
C PRO A 23 -3.11 -13.55 5.82
N PHE A 24 -4.25 -12.99 6.19
CA PHE A 24 -5.49 -13.77 6.35
C PHE A 24 -5.87 -14.40 5.03
N ASP A 25 -6.31 -15.66 5.07
CA ASP A 25 -6.70 -16.34 3.84
C ASP A 25 -7.86 -15.64 3.14
N HIS A 26 -8.78 -15.06 3.90
CA HIS A 26 -10.02 -14.59 3.32
C HIS A 26 -9.87 -13.24 2.61
N THR A 27 -8.78 -12.54 2.88
CA THR A 27 -8.51 -11.28 2.19
C THR A 27 -7.19 -11.25 1.44
N ARG A 28 -6.44 -12.36 1.44
CA ARG A 28 -5.14 -12.33 0.79
C ARG A 28 -5.30 -12.09 -0.70
N VAL A 29 -4.28 -11.49 -1.31
CA VAL A 29 -4.29 -11.32 -2.75
C VAL A 29 -3.85 -12.62 -3.40
N VAL A 30 -4.76 -13.25 -4.16
CA VAL A 30 -4.45 -14.51 -4.83
C VAL A 30 -3.98 -14.25 -6.26
N LEU A 31 -2.75 -14.66 -6.58
CA LEU A 31 -2.17 -14.42 -7.89
C LEU A 31 -2.49 -15.58 -8.83
N HIS A 32 -3.27 -15.28 -9.87
CA HIS A 32 -3.84 -16.36 -10.69
C HIS A 32 -2.95 -16.83 -11.84
N ASP A 33 -2.02 -15.98 -12.25
CA ASP A 33 -1.22 -16.26 -13.44
C ASP A 33 0.27 -16.11 -13.17
N GLY A 34 0.93 -17.23 -12.88
CA GLY A 34 2.35 -17.23 -12.61
C GLY A 34 3.12 -18.34 -13.30
N ASP A 35 4.27 -18.70 -12.74
CA ASP A 35 5.18 -19.70 -13.30
C ASP A 35 4.76 -21.09 -12.85
N PRO A 36 4.31 -21.92 -13.80
CA PRO A 36 3.84 -23.26 -13.40
C PRO A 36 4.96 -24.17 -12.87
N ASN A 37 6.21 -23.72 -13.01
CA ASN A 37 7.33 -24.48 -12.47
C ASN A 37 7.53 -24.26 -10.97
N GLU A 38 7.02 -23.15 -10.44
CA GLU A 38 7.11 -22.90 -9.00
C GLU A 38 6.12 -23.77 -8.22
N PRO A 39 6.57 -24.39 -7.11
CA PRO A 39 5.68 -25.24 -6.30
C PRO A 39 4.36 -24.54 -5.98
N VAL A 40 4.43 -23.28 -5.54
CA VAL A 40 3.25 -22.45 -5.43
C VAL A 40 3.52 -21.14 -6.15
N SER A 41 2.59 -20.69 -6.98
CA SER A 41 2.79 -19.42 -7.67
C SER A 41 1.70 -18.39 -7.36
N ASP A 42 0.78 -18.73 -6.45
CA ASP A 42 -0.40 -17.90 -6.25
C ASP A 42 -0.29 -17.04 -5.00
N TYR A 43 0.87 -17.05 -4.36
CA TYR A 43 1.01 -16.42 -3.05
C TYR A 43 1.87 -15.16 -3.03
N ILE A 44 1.34 -14.13 -2.36
CA ILE A 44 2.14 -12.97 -1.96
C ILE A 44 1.68 -12.55 -0.56
N ASN A 45 2.61 -12.05 0.24
CA ASN A 45 2.23 -11.58 1.56
C ASN A 45 1.60 -10.19 1.45
N ALA A 46 0.29 -10.19 1.19
CA ALA A 46 -0.50 -9.00 0.89
C ALA A 46 -1.98 -9.28 1.14
N ASN A 47 -2.70 -8.26 1.61
CA ASN A 47 -4.14 -8.35 1.80
C ASN A 47 -4.84 -7.17 1.18
N ILE A 48 -6.00 -7.44 0.62
CA ILE A 48 -6.92 -6.39 0.22
C ILE A 48 -7.55 -5.76 1.46
N ILE A 49 -7.48 -4.45 1.54
CA ILE A 49 -8.19 -3.73 2.59
C ILE A 49 -9.35 -2.98 1.97
N MET A 50 -10.56 -3.40 2.28
CA MET A 50 -11.75 -2.70 1.82
C MET A 50 -12.42 -2.04 3.00
N PRO A 51 -12.48 -0.71 2.98
CA PRO A 51 -13.15 0.03 4.05
C PRO A 51 -14.59 -0.46 4.17
N GLU A 52 -14.95 -0.94 5.35
CA GLU A 52 -16.30 -1.41 5.61
C GLU A 52 -16.92 -0.60 6.74
N PHE A 53 -18.04 0.03 6.42
CA PHE A 53 -18.77 0.87 7.38
C PHE A 53 -20.21 0.40 7.47
N GLU A 54 -20.76 0.37 8.68
CA GLU A 54 -22.12 -0.11 8.92
C GLU A 54 -23.14 0.59 8.01
N THR A 55 -22.83 1.81 7.61
CA THR A 55 -23.71 2.59 6.74
C THR A 55 -23.31 2.63 5.27
N LYS A 56 -22.73 1.54 4.77
CA LYS A 56 -22.45 1.44 3.33
C LYS A 56 -23.70 1.01 2.57
N CYS A 57 -23.82 1.42 1.31
CA CYS A 57 -24.99 1.08 0.48
C CYS A 57 -24.84 -0.25 -0.26
N ASN A 58 -25.81 -0.57 -1.12
CA ASN A 58 -25.77 -1.82 -1.89
C ASN A 58 -25.17 -1.69 -3.29
N ASN A 59 -23.89 -1.32 -3.37
CA ASN A 59 -23.19 -1.24 -4.64
C ASN A 59 -21.96 -2.14 -4.69
N SER A 60 -21.26 -2.10 -5.82
CA SER A 60 -19.92 -2.67 -5.89
C SER A 60 -18.92 -1.57 -6.32
N LYS A 61 -18.19 -0.96 -5.38
CA LYS A 61 -18.17 -1.29 -3.95
C LYS A 61 -17.71 -0.04 -3.16
N PRO A 62 -16.82 -0.16 -2.13
CA PRO A 62 -16.22 1.12 -1.72
C PRO A 62 -15.52 1.93 -2.81
N LYS A 63 -15.43 3.25 -2.61
CA LYS A 63 -14.81 4.14 -3.58
C LYS A 63 -13.33 3.79 -3.78
N LYS A 64 -12.61 3.61 -2.68
CA LYS A 64 -11.19 3.27 -2.75
C LYS A 64 -10.94 2.03 -1.93
N SER A 65 -10.01 1.21 -2.39
CA SER A 65 -9.55 0.08 -1.62
C SER A 65 -8.04 0.10 -1.69
N TYR A 66 -7.41 -0.72 -0.85
CA TYR A 66 -5.97 -0.73 -0.72
C TYR A 66 -5.45 -2.15 -0.74
N ILE A 67 -4.18 -2.30 -1.08
CA ILE A 67 -3.50 -3.55 -0.83
C ILE A 67 -2.44 -3.23 0.20
N ALA A 68 -2.49 -3.92 1.33
CA ALA A 68 -1.48 -3.76 2.35
C ALA A 68 -0.48 -4.88 2.17
N THR A 69 0.79 -4.55 1.94
CA THR A 69 1.78 -5.59 1.69
C THR A 69 3.11 -5.24 2.33
N GLN A 70 3.94 -6.27 2.50
CA GLN A 70 5.29 -6.14 3.03
C GLN A 70 6.23 -5.56 1.99
N GLY A 71 7.40 -5.10 2.42
CA GLY A 71 8.41 -4.71 1.46
C GLY A 71 8.93 -5.94 0.71
N CYS A 72 9.12 -5.81 -0.59
CA CYS A 72 9.61 -6.89 -1.44
C CYS A 72 10.87 -7.54 -0.91
N LEU A 73 10.95 -8.85 -1.09
CA LEU A 73 12.20 -9.57 -0.93
C LEU A 73 12.76 -9.78 -2.33
N GLN A 74 14.05 -10.04 -2.43
CA GLN A 74 14.66 -10.22 -3.74
C GLN A 74 13.90 -11.29 -4.54
N ASN A 75 13.41 -12.31 -3.84
CA ASN A 75 12.73 -13.41 -4.50
C ASN A 75 11.22 -13.20 -4.64
N THR A 76 10.71 -12.04 -4.25
CA THR A 76 9.27 -11.79 -4.42
C THR A 76 8.97 -10.56 -5.26
N VAL A 77 10.02 -9.97 -5.84
CA VAL A 77 9.85 -8.82 -6.72
C VAL A 77 8.97 -9.16 -7.92
N ASN A 78 9.19 -10.32 -8.54
CA ASN A 78 8.36 -10.71 -9.68
C ASN A 78 6.90 -10.92 -9.27
N ASP A 79 6.68 -11.48 -8.08
CA ASP A 79 5.34 -11.64 -7.52
C ASP A 79 4.65 -10.30 -7.32
N PHE A 80 5.41 -9.34 -6.81
CA PHE A 80 4.90 -8.00 -6.56
C PHE A 80 4.38 -7.39 -7.86
N TRP A 81 5.13 -7.52 -8.95
CA TRP A 81 4.67 -6.89 -10.17
C TRP A 81 3.51 -7.66 -10.79
N ARG A 82 3.47 -8.97 -10.58
CA ARG A 82 2.30 -9.75 -11.00
C ARG A 82 1.05 -9.25 -10.27
N MET A 83 1.19 -8.97 -8.97
CA MET A 83 0.10 -8.44 -8.18
C MET A 83 -0.38 -7.09 -8.71
N VAL A 84 0.53 -6.15 -8.90
CA VAL A 84 0.17 -4.82 -9.41
C VAL A 84 -0.53 -4.92 -10.76
N PHE A 85 -0.04 -5.78 -11.64
CA PHE A 85 -0.64 -5.95 -12.95
C PHE A 85 -2.05 -6.54 -12.84
N GLN A 86 -2.14 -7.63 -12.10
CA GLN A 86 -3.39 -8.36 -11.96
C GLN A 86 -4.50 -7.50 -11.36
N GLU A 87 -4.15 -6.75 -10.32
CA GLU A 87 -5.13 -5.94 -9.62
C GLU A 87 -5.41 -4.58 -10.30
N ASN A 88 -4.68 -4.27 -11.37
CA ASN A 88 -4.85 -3.01 -12.13
C ASN A 88 -4.51 -1.79 -11.28
N SER A 89 -3.63 -2.01 -10.31
CA SER A 89 -3.18 -0.90 -9.47
C SER A 89 -2.38 0.11 -10.27
N ARG A 90 -2.62 1.39 -10.03
CA ARG A 90 -1.93 2.44 -10.77
C ARG A 90 -1.15 3.36 -9.86
N VAL A 91 -1.30 3.16 -8.55
CA VAL A 91 -0.62 4.00 -7.58
C VAL A 91 -0.03 3.09 -6.51
N ILE A 92 1.26 3.28 -6.23
CA ILE A 92 1.95 2.54 -5.16
C ILE A 92 2.44 3.56 -4.14
N VAL A 93 2.16 3.31 -2.86
CA VAL A 93 2.65 4.16 -1.77
C VAL A 93 3.74 3.37 -1.00
N MET A 94 4.98 3.84 -1.10
CA MET A 94 6.10 3.21 -0.40
C MET A 94 6.39 4.09 0.80
N THR A 95 6.35 3.52 2.00
CA THR A 95 6.43 4.38 3.19
C THR A 95 7.76 4.29 3.90
N THR A 96 8.72 3.54 3.35
CA THR A 96 10.05 3.41 3.94
C THR A 96 11.13 3.79 2.95
N LYS A 97 12.33 4.13 3.43
CA LYS A 97 13.51 4.05 2.57
C LYS A 97 13.82 2.57 2.31
N GLU A 98 14.62 2.30 1.28
CA GLU A 98 15.06 0.94 1.01
C GLU A 98 15.82 0.38 2.23
N VAL A 99 16.64 1.24 2.81
CA VAL A 99 17.45 0.91 3.98
C VAL A 99 17.25 1.95 5.07
N GLU A 100 16.96 1.50 6.28
CA GLU A 100 16.85 2.40 7.42
C GLU A 100 17.63 1.82 8.60
N ARG A 101 18.44 2.67 9.21
CA ARG A 101 19.33 2.30 10.33
C ARG A 101 20.19 1.09 9.99
N GLY A 102 20.63 1.03 8.74
CA GLY A 102 21.51 -0.03 8.26
C GLY A 102 20.80 -1.33 7.93
N LYS A 103 19.47 -1.30 7.95
CA LYS A 103 18.65 -2.49 7.73
C LYS A 103 17.83 -2.35 6.46
N SER A 104 17.85 -3.37 5.61
CA SER A 104 17.00 -3.33 4.43
C SER A 104 15.56 -3.45 4.89
N LYS A 105 14.71 -2.60 4.34
CA LYS A 105 13.30 -2.63 4.65
C LYS A 105 12.51 -3.13 3.47
N CYS A 106 13.08 -2.93 2.29
CA CYS A 106 12.41 -3.27 1.04
C CYS A 106 13.46 -3.30 -0.05
N VAL A 107 13.49 -4.35 -0.86
CA VAL A 107 14.43 -4.39 -1.96
C VAL A 107 13.98 -3.37 -3.03
N LYS A 108 14.94 -2.80 -3.75
CA LYS A 108 14.58 -1.92 -4.86
C LYS A 108 13.95 -2.73 -6.00
N TYR A 109 12.63 -2.64 -6.09
CA TYR A 109 11.86 -3.43 -7.04
C TYR A 109 11.54 -2.65 -8.31
N TRP A 110 12.05 -1.42 -8.42
CA TRP A 110 11.82 -0.59 -9.61
C TRP A 110 13.14 -0.27 -10.29
N PRO A 111 13.11 0.05 -11.60
CA PRO A 111 14.36 0.27 -12.33
C PRO A 111 15.04 1.55 -11.93
N ASP A 112 16.34 1.63 -12.18
CA ASP A 112 17.07 2.88 -12.00
C ASP A 112 16.47 3.97 -12.87
N GLU A 113 16.78 5.22 -12.55
CA GLU A 113 16.30 6.36 -13.33
C GLU A 113 16.56 6.19 -14.85
N TYR A 114 15.50 6.35 -15.63
CA TYR A 114 15.48 6.21 -17.10
C TYR A 114 15.82 4.81 -17.64
N ALA A 115 15.84 3.81 -16.77
CA ALA A 115 16.17 2.47 -17.19
C ALA A 115 14.92 1.63 -17.36
N LEU A 116 15.07 0.50 -18.04
CA LEU A 116 13.97 -0.46 -18.06
C LEU A 116 14.51 -1.79 -17.60
N LYS A 117 13.63 -2.59 -17.02
CA LYS A 117 14.02 -3.86 -16.47
C LYS A 117 12.88 -4.83 -16.65
N GLU A 118 13.20 -6.10 -16.87
CA GLU A 118 12.15 -7.11 -16.91
C GLU A 118 12.13 -7.86 -15.59
N TYR A 119 10.92 -8.05 -15.07
CA TYR A 119 10.73 -8.79 -13.83
C TYR A 119 9.84 -9.98 -14.14
N GLY A 120 10.45 -11.14 -14.37
CA GLY A 120 9.71 -12.27 -14.90
C GLY A 120 9.11 -11.89 -16.24
N VAL A 121 7.79 -12.00 -16.36
CA VAL A 121 7.11 -11.66 -17.61
C VAL A 121 6.65 -10.20 -17.62
N MET A 122 7.01 -9.45 -16.58
CA MET A 122 6.61 -8.05 -16.49
C MET A 122 7.76 -7.15 -16.91
N ARG A 123 7.43 -6.11 -17.67
CA ARG A 123 8.42 -5.14 -18.10
C ARG A 123 8.10 -3.78 -17.49
N VAL A 124 9.09 -3.17 -16.82
CA VAL A 124 8.89 -1.85 -16.23
C VAL A 124 9.90 -0.84 -16.74
N ARG A 125 9.42 0.29 -17.21
CA ARG A 125 10.31 1.39 -17.57
C ARG A 125 10.15 2.53 -16.58
N ASN A 126 11.28 3.02 -16.09
CA ASN A 126 11.28 4.21 -15.24
C ASN A 126 11.31 5.45 -16.14
N VAL A 127 10.16 6.12 -16.26
CA VAL A 127 10.01 7.25 -17.16
C VAL A 127 10.56 8.55 -16.57
N LYS A 128 10.27 8.80 -15.30
CA LYS A 128 10.65 10.05 -14.66
C LYS A 128 10.63 9.93 -13.15
N GLU A 129 11.54 10.64 -12.47
CA GLU A 129 11.50 10.76 -11.02
C GLU A 129 11.43 12.23 -10.66
N SER A 130 10.46 12.61 -9.84
CA SER A 130 10.32 13.99 -9.39
C SER A 130 10.39 14.06 -7.87
N ALA A 131 11.40 14.75 -7.36
CA ALA A 131 11.56 14.84 -5.91
C ALA A 131 10.81 16.03 -5.33
N ALA A 132 9.91 15.75 -4.41
CA ALA A 132 9.27 16.77 -3.59
C ALA A 132 9.97 16.78 -2.24
N HIS A 133 9.45 17.51 -1.26
CA HIS A 133 10.19 17.62 -0.02
C HIS A 133 10.18 16.34 0.83
N ASP A 134 9.00 15.75 1.01
CA ASP A 134 8.90 14.57 1.87
C ASP A 134 8.91 13.30 1.05
N TYR A 135 8.82 13.43 -0.27
CA TYR A 135 8.65 12.25 -1.12
C TYR A 135 9.18 12.44 -2.54
N THR A 136 9.40 11.31 -3.21
CA THR A 136 9.74 11.28 -4.63
C THR A 136 8.62 10.60 -5.37
N LEU A 137 8.25 11.16 -6.52
CA LEU A 137 7.26 10.53 -7.38
C LEU A 137 7.92 9.90 -8.61
N ARG A 138 7.76 8.59 -8.77
CA ARG A 138 8.33 7.91 -9.94
C ARG A 138 7.22 7.49 -10.88
N GLU A 139 7.32 7.92 -12.13
CA GLU A 139 6.40 7.54 -13.17
C GLU A 139 6.92 6.28 -13.83
N LEU A 140 6.19 5.18 -13.68
CA LEU A 140 6.65 3.88 -14.19
C LEU A 140 5.70 3.41 -15.27
N LYS A 141 6.22 2.71 -16.27
CA LYS A 141 5.39 2.08 -17.28
C LYS A 141 5.49 0.57 -17.16
N LEU A 142 4.36 -0.07 -16.87
CA LEU A 142 4.27 -1.52 -16.65
C LEU A 142 3.56 -2.20 -17.80
N SER A 143 4.16 -3.26 -18.36
CA SER A 143 3.53 -4.05 -19.43
C SER A 143 3.88 -5.53 -19.30
N LYS A 144 3.08 -6.38 -19.93
CA LYS A 144 3.36 -7.81 -19.94
C LYS A 144 4.18 -8.09 -21.18
N VAL A 145 5.35 -8.67 -20.98
CA VAL A 145 6.27 -8.95 -22.09
C VAL A 145 5.61 -9.84 -23.13
N GLY A 146 5.65 -9.37 -24.37
CA GLY A 146 5.12 -10.13 -25.50
C GLY A 146 3.72 -9.75 -25.90
N GLN A 147 2.95 -9.18 -24.96
CA GLN A 147 1.57 -8.83 -25.23
C GLN A 147 1.37 -7.36 -25.54
N GLY A 148 0.56 -7.11 -26.57
CA GLY A 148 0.22 -5.76 -26.95
C GLY A 148 -0.97 -5.28 -26.13
N ASN A 149 -1.13 -3.97 -26.08
CA ASN A 149 -2.21 -3.32 -25.36
C ASN A 149 -2.30 -3.75 -23.90
N THR A 150 -1.16 -3.93 -23.24
CA THR A 150 -1.18 -4.19 -21.81
C THR A 150 -0.48 -3.11 -20.98
N GLU A 151 0.22 -2.20 -21.65
CA GLU A 151 1.00 -1.19 -20.92
C GLU A 151 0.07 -0.24 -20.16
N ARG A 152 0.49 0.17 -18.97
CA ARG A 152 -0.25 1.14 -18.17
C ARG A 152 0.70 1.88 -17.22
N THR A 153 0.42 3.16 -16.96
CA THR A 153 1.31 3.94 -16.11
C THR A 153 1.04 3.60 -14.65
N VAL A 154 2.10 3.36 -13.89
CA VAL A 154 2.00 3.13 -12.45
C VAL A 154 2.79 4.22 -11.75
N TRP A 155 2.14 4.92 -10.84
CA TRP A 155 2.75 6.04 -10.14
C TRP A 155 3.20 5.60 -8.78
N GLN A 156 4.51 5.66 -8.53
CA GLN A 156 5.05 5.29 -7.22
C GLN A 156 5.34 6.53 -6.40
N TYR A 157 4.61 6.67 -5.30
CA TYR A 157 4.79 7.75 -4.34
C TYR A 157 5.65 7.22 -3.20
N HIS A 158 6.90 7.67 -3.18
CA HIS A 158 7.88 7.14 -2.23
C HIS A 158 8.13 8.14 -1.11
N PHE A 159 7.53 7.89 0.04
CA PHE A 159 7.71 8.77 1.20
C PHE A 159 9.05 8.46 1.82
N ARG A 160 9.89 9.50 1.94
CA ARG A 160 11.29 9.30 2.24
C ARG A 160 11.73 9.87 3.58
N THR A 161 10.87 10.58 4.28
CA THR A 161 11.31 11.30 5.48
C THR A 161 10.73 10.79 6.80
N TRP A 162 10.08 9.64 6.79
CA TRP A 162 9.65 9.04 8.05
C TRP A 162 10.89 8.81 8.91
N PRO A 163 10.83 9.18 10.20
CA PRO A 163 12.03 9.11 11.04
C PRO A 163 12.47 7.68 11.33
N ASP A 164 13.74 7.52 11.67
CA ASP A 164 14.30 6.19 11.91
C ASP A 164 13.70 5.51 13.14
N HIS A 165 13.38 6.28 14.17
CA HIS A 165 12.59 5.81 15.29
C HIS A 165 11.33 6.65 15.42
N GLY A 166 10.24 6.06 15.87
CA GLY A 166 9.03 6.80 16.15
C GLY A 166 8.32 7.26 14.89
N VAL A 167 7.58 8.35 15.03
CA VAL A 167 6.73 8.89 13.96
C VAL A 167 7.04 10.37 13.76
N PRO A 168 6.57 10.95 12.65
CA PRO A 168 6.81 12.38 12.48
C PRO A 168 6.18 13.17 13.63
N SER A 169 6.84 14.23 14.05
CA SER A 169 6.34 14.99 15.19
C SER A 169 5.17 15.88 14.79
N ASP A 170 5.01 16.09 13.49
CA ASP A 170 3.87 16.82 12.94
C ASP A 170 3.34 16.10 11.70
N PRO A 171 2.00 16.05 11.55
CA PRO A 171 1.44 15.22 10.47
C PRO A 171 1.25 15.92 9.11
N GLY A 172 1.60 17.20 9.02
CA GLY A 172 1.35 17.97 7.80
C GLY A 172 1.95 17.36 6.55
N GLY A 173 3.17 16.84 6.67
CA GLY A 173 3.85 16.28 5.51
C GLY A 173 3.15 15.03 4.99
N VAL A 174 2.76 14.15 5.91
CA VAL A 174 2.02 12.95 5.53
C VAL A 174 0.67 13.33 4.88
N LEU A 175 -0.03 14.30 5.45
CA LEU A 175 -1.31 14.72 4.89
C LEU A 175 -1.19 15.33 3.50
N ASP A 176 -0.15 16.13 3.26
CA ASP A 176 0.05 16.71 1.93
C ASP A 176 0.34 15.62 0.92
N PHE A 177 1.14 14.64 1.35
CA PHE A 177 1.48 13.48 0.56
C PHE A 177 0.23 12.68 0.16
N LEU A 178 -0.61 12.37 1.14
CA LEU A 178 -1.83 11.61 0.87
C LEU A 178 -2.79 12.38 -0.03
N GLU A 179 -2.81 13.69 0.07
CA GLU A 179 -3.68 14.51 -0.79
C GLU A 179 -3.28 14.35 -2.25
N GLU A 180 -1.97 14.33 -2.50
CA GLU A 180 -1.47 14.10 -3.85
C GLU A 180 -1.79 12.70 -4.34
N VAL A 181 -1.63 11.71 -3.47
CA VAL A 181 -1.95 10.33 -3.82
C VAL A 181 -3.44 10.22 -4.17
N HIS A 182 -4.25 10.86 -3.35
CA HIS A 182 -5.69 10.88 -3.56
C HIS A 182 -6.05 11.42 -4.96
N HIS A 183 -5.47 12.56 -5.32
CA HIS A 183 -5.80 13.19 -6.60
C HIS A 183 -5.27 12.39 -7.81
N LYS A 184 -4.10 11.77 -7.67
CA LYS A 184 -3.58 10.93 -8.74
C LYS A 184 -4.51 9.74 -8.97
N GLN A 185 -4.90 9.08 -7.90
CA GLN A 185 -5.76 7.91 -7.99
C GLN A 185 -7.09 8.26 -8.66
N GLU A 186 -7.69 9.40 -8.29
CA GLU A 186 -8.97 9.76 -8.89
C GLU A 186 -8.82 10.28 -10.32
N SER A 187 -7.59 10.62 -10.72
CA SER A 187 -7.38 11.12 -12.07
C SER A 187 -7.38 9.98 -13.10
N ILE A 188 -7.30 8.75 -12.62
CA ILE A 188 -7.17 7.57 -13.48
C ILE A 188 -8.41 6.70 -13.46
N MET A 189 -9.09 6.59 -14.60
CA MET A 189 -10.38 5.89 -14.64
C MET A 189 -10.27 4.43 -14.22
N ASP A 190 -11.07 4.08 -13.21
CA ASP A 190 -11.17 2.72 -12.68
C ASP A 190 -9.86 2.08 -12.28
N ALA A 191 -8.95 2.90 -11.74
CA ALA A 191 -7.71 2.36 -11.19
C ALA A 191 -8.03 1.31 -10.12
N GLY A 192 -7.15 0.32 -9.99
CA GLY A 192 -7.33 -0.70 -8.98
C GLY A 192 -6.96 -0.20 -7.59
N PRO A 193 -6.83 -1.11 -6.64
CA PRO A 193 -6.50 -0.72 -5.26
C PRO A 193 -5.14 0.00 -5.15
N VAL A 194 -5.04 0.95 -4.23
CA VAL A 194 -3.77 1.61 -3.98
C VAL A 194 -2.88 0.65 -3.20
N VAL A 195 -1.68 0.38 -3.72
CA VAL A 195 -0.77 -0.52 -3.05
C VAL A 195 0.01 0.28 -2.02
N VAL A 196 0.04 -0.20 -0.78
CA VAL A 196 0.74 0.52 0.30
C VAL A 196 1.65 -0.48 0.99
N HIS A 197 2.93 -0.16 1.10
CA HIS A 197 3.84 -1.08 1.80
C HIS A 197 4.83 -0.36 2.69
N CYS A 198 5.29 -1.09 3.69
CA CYS A 198 6.40 -0.67 4.53
C CYS A 198 7.40 -1.83 4.55
N SER A 199 7.74 -2.34 5.72
CA SER A 199 8.64 -3.48 5.77
C SER A 199 7.83 -4.73 6.06
N ALA A 200 7.13 -4.76 7.18
CA ALA A 200 6.28 -5.89 7.53
C ALA A 200 4.87 -5.75 6.91
N GLY A 201 4.53 -4.55 6.45
CA GLY A 201 3.23 -4.32 5.87
C GLY A 201 2.11 -4.13 6.89
N ILE A 202 2.45 -3.75 8.12
CA ILE A 202 1.39 -3.58 9.12
C ILE A 202 1.47 -2.28 9.94
N GLY A 203 2.65 -1.89 10.37
CA GLY A 203 2.76 -0.72 11.24
C GLY A 203 2.60 0.59 10.49
N ARG A 204 3.61 0.95 9.70
CA ARG A 204 3.51 2.16 8.88
C ARG A 204 2.40 2.06 7.86
N THR A 205 2.27 0.89 7.24
CA THR A 205 1.22 0.69 6.24
C THR A 205 -0.15 0.90 6.84
N GLY A 206 -0.39 0.33 8.01
CA GLY A 206 -1.65 0.50 8.70
C GLY A 206 -1.90 1.95 9.11
N THR A 207 -0.86 2.66 9.51
CA THR A 207 -0.99 4.06 9.89
C THR A 207 -1.38 4.92 8.68
N PHE A 208 -0.70 4.73 7.55
CA PHE A 208 -1.04 5.47 6.33
C PHE A 208 -2.44 5.12 5.84
N ILE A 209 -2.80 3.83 5.82
CA ILE A 209 -4.13 3.46 5.29
C ILE A 209 -5.27 3.99 6.18
N VAL A 210 -5.11 3.87 7.49
CA VAL A 210 -6.17 4.34 8.38
C VAL A 210 -6.36 5.86 8.30
N ILE A 211 -5.26 6.60 8.23
CA ILE A 211 -5.39 8.04 7.99
C ILE A 211 -6.11 8.32 6.67
N ASP A 212 -5.71 7.65 5.59
CA ASP A 212 -6.32 7.90 4.30
C ASP A 212 -7.82 7.61 4.31
N ILE A 213 -8.20 6.53 4.99
CA ILE A 213 -9.61 6.18 5.13
C ILE A 213 -10.39 7.27 5.87
N LEU A 214 -9.85 7.72 7.00
CA LEU A 214 -10.54 8.73 7.79
C LEU A 214 -10.61 10.06 7.06
N ILE A 215 -9.52 10.43 6.40
CA ILE A 215 -9.47 11.68 5.66
C ILE A 215 -10.45 11.68 4.48
N ASP A 216 -10.61 10.51 3.84
CA ASP A 216 -11.55 10.37 2.75
C ASP A 216 -12.98 10.61 3.21
N ILE A 217 -13.30 10.13 4.40
CA ILE A 217 -14.60 10.38 5.02
C ILE A 217 -14.80 11.89 5.26
N ILE A 218 -13.81 12.52 5.87
CA ILE A 218 -13.91 13.96 6.19
C ILE A 218 -13.92 14.83 4.94
N ARG A 219 -13.16 14.45 3.93
CA ARG A 219 -13.11 15.21 2.69
C ARG A 219 -14.50 15.25 2.07
N GLU A 220 -15.23 14.16 2.22
CA GLU A 220 -16.57 14.04 1.67
C GLU A 220 -17.69 14.56 2.58
N LYS A 221 -17.73 14.06 3.82
CA LYS A 221 -18.89 14.30 4.68
C LYS A 221 -18.75 15.51 5.60
N GLY A 222 -17.61 16.19 5.51
CA GLY A 222 -17.43 17.43 6.24
C GLY A 222 -16.77 17.32 7.60
N VAL A 223 -16.38 18.47 8.12
CA VAL A 223 -15.69 18.61 9.40
C VAL A 223 -16.44 18.00 10.60
N ASP A 224 -17.77 17.94 10.52
CA ASP A 224 -18.58 17.55 11.67
C ASP A 224 -18.98 16.08 11.66
N CYS A 225 -18.51 15.34 10.67
CA CYS A 225 -18.86 13.92 10.53
C CYS A 225 -18.36 13.11 11.71
N ASP A 226 -19.02 11.98 11.99
CA ASP A 226 -18.62 11.11 13.09
C ASP A 226 -17.38 10.30 12.73
N ILE A 227 -16.36 10.41 13.57
CA ILE A 227 -15.11 9.67 13.40
C ILE A 227 -14.89 8.75 14.60
N ASP A 228 -14.58 7.49 14.35
CA ASP A 228 -14.29 6.54 15.41
C ASP A 228 -12.98 5.82 15.07
N VAL A 229 -11.86 6.36 15.53
CA VAL A 229 -10.55 5.81 15.17
C VAL A 229 -10.35 4.37 15.64
N PRO A 230 -10.67 4.05 16.91
CA PRO A 230 -10.52 2.64 17.30
C PRO A 230 -11.36 1.67 16.48
N LYS A 231 -12.58 2.05 16.09
CA LYS A 231 -13.43 1.14 15.33
C LYS A 231 -12.92 0.98 13.89
N THR A 232 -12.36 2.04 13.33
CA THR A 232 -11.78 2.00 11.99
C THR A 232 -10.51 1.14 11.99
N ILE A 233 -9.72 1.27 13.05
CA ILE A 233 -8.53 0.43 13.18
C ILE A 233 -8.91 -1.05 13.31
N GLN A 234 -9.92 -1.36 14.12
CA GLN A 234 -10.36 -2.75 14.24
C GLN A 234 -10.90 -3.28 12.91
N MET A 235 -11.57 -2.42 12.16
CA MET A 235 -12.12 -2.82 10.88
C MET A 235 -10.97 -3.21 9.94
N VAL A 236 -9.89 -2.44 9.97
CA VAL A 236 -8.78 -2.75 9.08
C VAL A 236 -8.02 -3.98 9.58
N ARG A 237 -7.92 -4.15 10.90
CA ARG A 237 -7.27 -5.33 11.47
C ARG A 237 -8.02 -6.64 11.20
N SER A 238 -9.30 -6.54 10.89
CA SER A 238 -10.09 -7.72 10.51
C SER A 238 -9.66 -8.22 9.13
N GLN A 239 -8.94 -7.38 8.40
CA GLN A 239 -8.55 -7.72 7.04
C GLN A 239 -7.05 -8.00 6.89
N ARG A 240 -6.25 -7.45 7.81
CA ARG A 240 -4.85 -7.85 7.91
C ARG A 240 -4.43 -7.67 9.36
N SER A 241 -3.95 -8.74 9.98
CA SER A 241 -3.66 -8.69 11.42
C SER A 241 -2.51 -7.74 11.77
N GLY A 242 -2.68 -7.00 12.86
CA GLY A 242 -1.62 -6.16 13.40
C GLY A 242 -1.45 -4.77 12.82
N MET A 243 -2.36 -4.36 11.94
CA MET A 243 -2.30 -3.01 11.36
C MET A 243 -2.25 -1.95 12.47
N VAL A 244 -1.30 -1.02 12.38
CA VAL A 244 -0.97 0.00 13.42
C VAL A 244 -0.39 -0.68 14.66
N GLN A 245 0.94 -0.57 14.79
CA GLN A 245 1.70 -1.37 15.75
C GLN A 245 2.05 -0.68 17.07
N THR A 246 2.28 0.64 17.07
CA THR A 246 2.83 1.30 18.27
C THR A 246 1.94 2.40 18.80
N GLU A 247 2.19 2.81 20.03
CA GLU A 247 1.43 3.90 20.62
C GLU A 247 1.62 5.21 19.84
N ALA A 248 2.84 5.45 19.38
CA ALA A 248 3.13 6.67 18.64
C ALA A 248 2.39 6.70 17.31
N GLN A 249 2.31 5.53 16.65
CA GLN A 249 1.57 5.45 15.39
C GLN A 249 0.09 5.71 15.63
N TYR A 250 -0.45 5.11 16.69
CA TYR A 250 -1.84 5.24 17.05
C TYR A 250 -2.17 6.72 17.34
N ARG A 251 -1.32 7.37 18.12
CA ARG A 251 -1.54 8.78 18.40
C ARG A 251 -1.33 9.66 17.17
N PHE A 252 -0.43 9.26 16.27
CA PHE A 252 -0.15 10.02 15.06
C PHE A 252 -1.40 10.08 14.20
N ILE A 253 -2.15 8.98 14.19
CA ILE A 253 -3.41 8.94 13.45
C ILE A 253 -4.37 10.03 13.94
N TYR A 254 -4.56 10.10 15.25
CA TYR A 254 -5.39 11.15 15.86
C TYR A 254 -4.87 12.55 15.53
N MET A 255 -3.58 12.74 15.61
CA MET A 255 -2.98 14.04 15.28
C MET A 255 -3.26 14.44 13.84
N ALA A 256 -3.16 13.47 12.91
CA ALA A 256 -3.33 13.73 11.49
C ALA A 256 -4.78 14.10 11.22
N VAL A 257 -5.71 13.38 11.85
CA VAL A 257 -7.12 13.65 11.65
C VAL A 257 -7.45 15.06 12.14
N GLN A 258 -6.95 15.41 13.32
CA GLN A 258 -7.17 16.75 13.87
C GLN A 258 -6.57 17.84 12.98
N HIS A 259 -5.38 17.59 12.45
CA HIS A 259 -4.67 18.53 11.57
C HIS A 259 -5.44 18.76 10.28
N TYR A 260 -5.97 17.68 9.72
CA TYR A 260 -6.72 17.78 8.48
C TYR A 260 -7.99 18.59 8.66
N ILE A 261 -8.68 18.33 9.75
CA ILE A 261 -9.89 19.06 10.11
C ILE A 261 -9.56 20.54 10.26
N GLU A 262 -8.47 20.83 10.96
CA GLU A 262 -8.01 22.21 11.13
C GLU A 262 -7.72 22.91 9.79
N THR A 263 -7.09 22.21 8.86
CA THR A 263 -6.77 22.78 7.55
C THR A 263 -8.04 23.22 6.81
N LEU A 264 -9.03 22.33 6.77
CA LEU A 264 -10.31 22.60 6.11
C LEU A 264 -11.05 23.78 6.73
N GLN A 265 -11.00 23.90 8.05
CA GLN A 265 -11.65 24.98 8.76
C GLN A 265 -11.03 26.33 8.40
N ARG A 266 -9.71 26.37 8.27
CA ARG A 266 -9.01 27.59 7.91
C ARG A 266 -9.36 28.05 6.50
N ARG A 267 -10.08 27.21 5.76
CA ARG A 267 -10.66 27.56 4.46
C ARG A 267 -12.17 27.72 4.56
#